data_2IUI
#
_entry.id   2IUI
#
_cell.length_a   40.760
_cell.length_b   61.940
_cell.length_c   108.360
_cell.angle_alpha   90.00
_cell.angle_beta   90.00
_cell.angle_gamma   90.00
#
_symmetry.space_group_name_H-M   'P 21 21 21'
#
loop_
_entity.id
_entity.type
_entity.pdbx_description
1 polymer 'Phosphatidylinositol 3-kinase regulatory subunit alpha'
2 polymer 'Platelet-derived growth factor receptor beta'
3 water water
#
loop_
_entity_poly.entity_id
_entity_poly.type
_entity_poly.pdbx_seq_one_letter_code
_entity_poly.pdbx_strand_id
1 'polypeptide(L)'
;GMNNNMSLQNAEWYWGDISREEVNEKLRDTADGTFLVRDASTKMHGDYTLTLRKGGNNKLIKIFHRDGKYGFSDPLTFSS
VVELINHYRNESLAQYNPKLDVKLLYPVSKYQQDQVVKED
;
A,B
2 'polypeptide(L)' SID(PTR)VPMLDMK C,D
#
# COMPACT_ATOMS: atom_id res chain seq x y z
N MET A 6 -1.51 9.25 -10.66
CA MET A 6 -1.80 7.87 -11.07
C MET A 6 -0.81 6.91 -10.43
N SER A 7 -1.24 6.29 -9.33
CA SER A 7 -0.37 5.43 -8.53
C SER A 7 0.25 4.32 -9.38
N LEU A 8 -0.55 3.81 -10.30
CA LEU A 8 -0.14 2.73 -11.21
C LEU A 8 0.98 3.10 -12.19
N GLN A 9 0.93 4.30 -12.75
CA GLN A 9 1.95 4.71 -13.72
C GLN A 9 3.31 4.94 -13.08
N ASN A 10 3.31 5.26 -11.79
CA ASN A 10 4.56 5.49 -11.07
C ASN A 10 5.09 4.26 -10.37
N ALA A 11 4.26 3.21 -10.34
CA ALA A 11 4.65 1.90 -9.83
C ALA A 11 5.85 1.37 -10.60
N GLU A 12 6.94 1.10 -9.89
CA GLU A 12 8.20 0.64 -10.51
C GLU A 12 8.04 -0.63 -11.31
N TRP A 13 7.04 -1.43 -10.93
CA TRP A 13 6.84 -2.77 -11.50
C TRP A 13 5.83 -2.82 -12.66
N TYR A 14 5.12 -1.71 -12.88
CA TYR A 14 4.29 -1.57 -14.06
C TYR A 14 5.08 -1.10 -15.28
N TRP A 15 5.04 -1.90 -16.35
CA TRP A 15 5.73 -1.56 -17.59
C TRP A 15 4.83 -1.14 -18.77
N GLY A 16 3.54 -0.96 -18.51
CA GLY A 16 2.63 -0.57 -19.56
C GLY A 16 2.55 -1.50 -20.77
N ASP A 17 2.76 -0.93 -21.96
CA ASP A 17 2.44 -1.62 -23.19
C ASP A 17 3.60 -2.39 -23.81
N ILE A 18 4.21 -3.32 -23.08
CA ILE A 18 5.29 -4.12 -23.66
C ILE A 18 4.86 -5.52 -24.02
N SER A 19 5.70 -6.23 -24.76
CA SER A 19 5.28 -7.51 -25.33
C SER A 19 5.62 -8.70 -24.44
N ARG A 20 4.92 -9.80 -24.66
CA ARG A 20 5.21 -11.06 -24.01
C ARG A 20 6.69 -11.40 -24.14
N GLU A 21 7.25 -11.11 -25.30
CA GLU A 21 8.65 -11.43 -25.58
C GLU A 21 9.63 -10.57 -24.77
N GLU A 22 9.37 -9.25 -24.73
CA GLU A 22 10.14 -8.37 -23.86
C GLU A 22 10.09 -8.82 -22.38
N VAL A 23 8.90 -9.11 -21.87
CA VAL A 23 8.78 -9.61 -20.51
C VAL A 23 9.60 -10.87 -20.27
N ASN A 24 9.63 -11.77 -21.25
CA ASN A 24 10.42 -13.02 -21.12
C ASN A 24 11.92 -12.76 -20.97
N GLU A 25 12.42 -11.74 -21.65
CA GLU A 25 13.80 -11.31 -21.51
C GLU A 25 14.11 -10.83 -20.10
N LYS A 26 13.21 -10.04 -19.54
CA LYS A 26 13.37 -9.52 -18.19
C LYS A 26 13.28 -10.62 -17.12
N LEU A 27 12.37 -11.56 -17.32
CA LEU A 27 12.14 -12.62 -16.34
C LEU A 27 13.08 -13.81 -16.50
N ARG A 28 13.84 -13.84 -17.59
CA ARG A 28 14.77 -14.94 -17.84
C ARG A 28 15.80 -15.14 -16.73
N ASP A 29 15.75 -16.33 -16.13
CA ASP A 29 16.78 -16.83 -15.21
C ASP A 29 16.65 -16.27 -13.80
N THR A 30 15.53 -15.58 -13.55
CA THR A 30 15.32 -14.89 -12.28
C THR A 30 14.69 -15.80 -11.25
N ALA A 31 14.79 -15.41 -9.99
CA ALA A 31 14.29 -16.19 -8.86
C ALA A 31 12.76 -16.25 -8.86
N ASP A 32 12.22 -17.30 -8.23
CA ASP A 32 10.79 -17.34 -8.01
C ASP A 32 10.36 -16.14 -7.20
N GLY A 33 9.21 -15.58 -7.57
CA GLY A 33 8.69 -14.42 -6.87
C GLY A 33 8.90 -13.15 -7.64
N THR A 34 9.80 -13.18 -8.62
CA THR A 34 10.02 -12.05 -9.53
C THR A 34 8.81 -11.82 -10.43
N PHE A 35 8.44 -10.56 -10.63
CA PHE A 35 7.15 -10.25 -11.25
C PHE A 35 7.12 -8.85 -11.87
N LEU A 36 6.31 -8.69 -12.91
CA LEU A 36 5.95 -7.37 -13.39
C LEU A 36 4.52 -7.38 -13.89
N VAL A 37 3.97 -6.18 -14.10
CA VAL A 37 2.64 -6.04 -14.67
C VAL A 37 2.66 -5.26 -15.99
N ARG A 38 2.03 -5.81 -17.00
CA ARG A 38 1.89 -5.14 -18.28
C ARG A 38 0.42 -5.05 -18.64
N ASP A 39 0.12 -4.35 -19.73
CA ASP A 39 -1.25 -4.22 -20.21
C ASP A 39 -1.68 -5.52 -20.84
N ALA A 40 -2.95 -5.87 -20.69
CA ALA A 40 -3.45 -7.09 -21.29
C ALA A 40 -3.42 -6.97 -22.81
N SER A 41 -3.23 -8.08 -23.50
CA SER A 41 -3.19 -8.06 -24.97
C SER A 41 -4.56 -7.66 -25.55
N THR A 42 -5.58 -7.67 -24.69
CA THR A 42 -6.92 -7.22 -25.05
C THR A 42 -6.94 -5.71 -25.40
N LYS A 43 -8.03 -5.26 -25.99
CA LYS A 43 -8.24 -3.85 -26.26
C LYS A 43 -8.86 -3.17 -25.05
N MET A 44 -8.02 -2.45 -24.32
CA MET A 44 -8.42 -1.56 -23.21
C MET A 44 -9.78 -1.80 -22.55
N HIS A 45 -9.95 -3.00 -21.98
CA HIS A 45 -10.98 -3.25 -20.97
C HIS A 45 -10.47 -2.77 -19.61
N GLY A 46 -9.46 -1.90 -19.64
CA GLY A 46 -8.66 -1.56 -18.46
C GLY A 46 -8.03 -2.80 -17.83
N ASP A 47 -7.59 -3.71 -18.68
CA ASP A 47 -7.16 -5.03 -18.27
C ASP A 47 -5.64 -5.17 -18.30
N TYR A 48 -5.09 -5.76 -17.26
CA TYR A 48 -3.65 -5.87 -17.13
C TYR A 48 -3.27 -7.32 -16.92
N THR A 49 -2.01 -7.65 -17.18
CA THR A 49 -1.51 -9.01 -17.00
C THR A 49 -0.32 -9.07 -16.08
N LEU A 50 -0.48 -9.77 -14.95
CA LEU A 50 0.62 -10.03 -14.04
C LEU A 50 1.44 -11.25 -14.54
N THR A 51 2.75 -11.07 -14.67
CA THR A 51 3.62 -12.17 -15.08
C THR A 51 4.52 -12.46 -13.90
N LEU A 52 4.58 -13.73 -13.52
CA LEU A 52 5.25 -14.16 -12.30
C LEU A 52 6.20 -15.33 -12.57
N ARG A 53 7.41 -15.22 -12.04
CA ARG A 53 8.38 -16.30 -12.12
C ARG A 53 8.11 -17.34 -11.03
N LYS A 54 7.92 -18.58 -11.45
CA LYS A 54 7.60 -19.67 -10.54
C LYS A 54 7.99 -21.01 -11.14
N GLY A 55 8.92 -21.69 -10.51
CA GLY A 55 9.29 -23.01 -10.96
C GLY A 55 10.01 -23.00 -12.29
N GLY A 56 10.77 -21.94 -12.56
CA GLY A 56 11.53 -21.93 -13.79
C GLY A 56 10.78 -21.48 -15.04
N ASN A 57 9.50 -21.14 -14.90
CA ASN A 57 8.75 -20.56 -16.02
C ASN A 57 7.87 -19.38 -15.64
N ASN A 58 7.38 -18.66 -16.66
CA ASN A 58 6.58 -17.45 -16.43
C ASN A 58 5.08 -17.69 -16.43
N LYS A 59 4.48 -17.56 -15.26
CA LYS A 59 3.05 -17.65 -15.11
C LYS A 59 2.33 -16.37 -15.55
N LEU A 60 1.39 -16.52 -16.48
CA LEU A 60 0.55 -15.41 -16.92
C LEU A 60 -0.71 -15.42 -16.08
N ILE A 61 -0.86 -14.38 -15.27
CA ILE A 61 -2.04 -14.22 -14.41
C ILE A 61 -2.85 -12.98 -14.82
N LYS A 62 -4.12 -13.18 -15.15
CA LYS A 62 -4.94 -12.08 -15.65
C LYS A 62 -5.53 -11.22 -14.53
N ILE A 63 -5.37 -9.90 -14.63
CA ILE A 63 -6.00 -9.00 -13.69
C ILE A 63 -7.29 -8.42 -14.26
N PHE A 64 -8.42 -8.94 -13.80
CA PHE A 64 -9.71 -8.54 -14.32
C PHE A 64 -10.10 -7.18 -13.78
N HIS A 65 -10.93 -6.50 -14.54
CA HIS A 65 -11.36 -5.15 -14.23
C HIS A 65 -12.86 -5.03 -14.56
N ARG A 66 -13.69 -5.12 -13.55
CA ARG A 66 -15.13 -5.07 -13.74
C ARG A 66 -15.81 -4.23 -12.66
N ASP A 67 -16.94 -3.64 -13.01
CA ASP A 67 -17.50 -2.53 -12.22
C ASP A 67 -16.42 -1.45 -12.09
N GLY A 68 -15.98 -1.16 -10.87
CA GLY A 68 -14.80 -0.31 -10.73
C GLY A 68 -13.72 -1.00 -9.91
N LYS A 69 -13.73 -2.33 -9.89
CA LYS A 69 -12.86 -3.12 -9.04
C LYS A 69 -11.86 -3.98 -9.83
N TYR A 70 -10.85 -4.47 -9.11
CA TYR A 70 -9.75 -5.26 -9.68
C TYR A 70 -9.53 -6.56 -8.90
N GLY A 71 -8.97 -7.57 -9.57
CA GLY A 71 -8.77 -8.85 -8.93
C GLY A 71 -8.55 -10.01 -9.89
N PHE A 72 -8.17 -11.16 -9.33
CA PHE A 72 -7.79 -12.33 -10.10
C PHE A 72 -8.97 -13.23 -10.47
N SER A 73 -10.07 -13.09 -9.75
CA SER A 73 -11.23 -13.95 -9.95
C SER A 73 -12.42 -13.35 -9.22
N ASP A 74 -13.60 -13.94 -9.41
CA ASP A 74 -14.84 -13.58 -8.71
C ASP A 74 -14.74 -13.84 -7.18
N PRO A 75 -14.94 -12.81 -6.33
CA PRO A 75 -15.30 -11.41 -6.58
C PRO A 75 -14.10 -10.49 -6.74
N LEU A 76 -14.27 -9.44 -7.55
CA LEU A 76 -13.25 -8.39 -7.70
C LEU A 76 -13.44 -7.37 -6.59
N THR A 77 -12.46 -7.29 -5.68
CA THR A 77 -12.61 -6.51 -4.44
C THR A 77 -11.57 -5.43 -4.22
N PHE A 78 -10.56 -5.34 -5.06
CA PHE A 78 -9.48 -4.36 -4.84
C PHE A 78 -9.76 -3.11 -5.64
N SER A 79 -9.53 -1.95 -5.05
CA SER A 79 -9.90 -0.70 -5.72
C SER A 79 -8.85 -0.16 -6.69
N SER A 80 -7.65 -0.72 -6.63
CA SER A 80 -6.62 -0.42 -7.62
C SER A 80 -5.68 -1.59 -7.84
N VAL A 81 -4.95 -1.56 -8.94
CA VAL A 81 -4.00 -2.62 -9.22
C VAL A 81 -2.82 -2.58 -8.28
N VAL A 82 -2.43 -1.38 -7.82
CA VAL A 82 -1.36 -1.28 -6.81
C VAL A 82 -1.80 -1.91 -5.46
N GLU A 83 -3.06 -1.68 -5.09
CA GLU A 83 -3.60 -2.22 -3.86
C GLU A 83 -3.56 -3.73 -3.93
N LEU A 84 -3.92 -4.27 -5.09
CA LEU A 84 -3.89 -5.72 -5.36
C LEU A 84 -2.48 -6.33 -5.29
N ILE A 85 -1.53 -5.72 -5.98
CA ILE A 85 -0.17 -6.23 -6.02
C ILE A 85 0.46 -6.09 -4.64
N ASN A 86 0.26 -4.95 -4.01
CA ASN A 86 0.75 -4.72 -2.65
C ASN A 86 0.23 -5.77 -1.69
N HIS A 87 -1.04 -6.15 -1.83
CA HIS A 87 -1.56 -7.20 -0.98
C HIS A 87 -0.76 -8.53 -1.09
N TYR A 88 -0.55 -8.99 -2.33
CA TYR A 88 0.12 -10.26 -2.58
C TYR A 88 1.65 -10.21 -2.59
N ARG A 89 2.17 -9.05 -2.25
CA ARG A 89 3.55 -8.98 -1.80
C ARG A 89 3.72 -9.65 -0.43
N ASN A 90 2.68 -9.61 0.40
CA ASN A 90 2.77 -10.14 1.76
C ASN A 90 1.97 -11.40 2.01
N GLU A 91 1.36 -11.94 0.97
CA GLU A 91 0.51 -13.10 1.10
C GLU A 91 0.59 -13.96 -0.16
N SER A 92 0.86 -15.24 0.00
CA SER A 92 1.03 -16.09 -1.17
C SER A 92 -0.26 -16.15 -2.01
N LEU A 93 -0.12 -16.58 -3.27
CA LEU A 93 -1.25 -16.73 -4.19
C LEU A 93 -1.82 -18.14 -4.18
N ALA A 94 -1.44 -18.91 -3.17
CA ALA A 94 -1.80 -20.32 -3.09
C ALA A 94 -3.31 -20.58 -3.08
N GLN A 95 -4.07 -19.69 -2.46
CA GLN A 95 -5.52 -19.88 -2.38
C GLN A 95 -6.24 -19.71 -3.71
N TYR A 96 -5.57 -19.18 -4.71
CA TYR A 96 -6.11 -19.13 -6.07
C TYR A 96 -5.78 -20.35 -6.89
N ASN A 97 -4.69 -21.03 -6.53
CA ASN A 97 -4.15 -22.12 -7.31
C ASN A 97 -2.97 -22.72 -6.53
N PRO A 98 -3.10 -23.98 -6.09
CA PRO A 98 -2.10 -24.62 -5.22
C PRO A 98 -0.66 -24.64 -5.75
N LYS A 99 -0.52 -24.50 -7.06
CA LYS A 99 0.79 -24.43 -7.70
C LYS A 99 1.50 -23.09 -7.43
N LEU A 100 0.73 -22.12 -6.98
CA LEU A 100 1.22 -20.75 -6.83
C LEU A 100 1.53 -20.41 -5.36
N ASP A 101 2.30 -21.27 -4.72
CA ASP A 101 2.72 -21.02 -3.33
C ASP A 101 3.90 -20.04 -3.28
N VAL A 102 3.67 -18.83 -3.80
CA VAL A 102 4.62 -17.72 -3.76
C VAL A 102 3.91 -16.42 -3.46
N LYS A 103 4.69 -15.47 -2.96
CA LYS A 103 4.29 -14.07 -2.94
C LYS A 103 4.93 -13.37 -4.13
N LEU A 104 4.46 -12.16 -4.41
CA LEU A 104 5.22 -11.25 -5.28
C LEU A 104 6.46 -10.63 -4.55
N LEU A 105 7.60 -11.30 -4.65
CA LEU A 105 8.75 -10.95 -3.83
C LEU A 105 9.64 -9.88 -4.44
N TYR A 106 10.09 -10.13 -5.66
CA TYR A 106 11.05 -9.24 -6.34
C TYR A 106 10.44 -8.52 -7.56
N PRO A 107 10.18 -7.21 -7.44
CA PRO A 107 9.64 -6.43 -8.55
C PRO A 107 10.70 -6.23 -9.64
N VAL A 108 10.33 -6.36 -10.91
CA VAL A 108 11.23 -5.94 -11.97
C VAL A 108 11.02 -4.45 -12.20
N SER A 109 12.01 -3.67 -11.78
CA SER A 109 11.87 -2.21 -11.67
C SER A 109 12.32 -1.49 -12.93
N LYS A 110 11.41 -0.70 -13.50
CA LYS A 110 11.73 0.14 -14.65
C LYS A 110 12.66 1.33 -14.34
N TYR A 111 12.89 1.59 -13.06
CA TYR A 111 13.89 2.58 -12.66
C TYR A 111 15.25 1.95 -12.37
N GLN A 112 15.32 0.63 -12.49
CA GLN A 112 16.43 -0.13 -11.93
C GLN A 112 16.58 -1.48 -12.62
N ASN B 3 -17.27 0.70 8.72
CA ASN B 3 -16.17 1.10 7.78
C ASN B 3 -15.18 -0.06 7.61
N ASN B 4 -14.62 -0.21 6.41
CA ASN B 4 -13.65 -1.29 6.14
C ASN B 4 -12.26 -0.96 6.67
N ASN B 5 -11.48 -1.99 7.00
CA ASN B 5 -10.05 -1.84 7.21
C ASN B 5 -9.24 -2.56 6.12
N MET B 6 -9.82 -2.62 4.93
CA MET B 6 -9.12 -3.19 3.76
C MET B 6 -8.09 -2.24 3.19
N SER B 7 -8.55 -1.05 2.80
CA SER B 7 -7.65 -0.05 2.25
C SER B 7 -6.50 0.21 3.22
N LEU B 8 -6.83 0.26 4.51
CA LEU B 8 -5.82 0.56 5.51
C LEU B 8 -4.74 -0.53 5.64
N GLN B 9 -5.15 -1.79 5.60
CA GLN B 9 -4.20 -2.87 5.79
C GLN B 9 -3.23 -3.01 4.63
N ASN B 10 -3.61 -2.56 3.43
CA ASN B 10 -2.72 -2.64 2.27
C ASN B 10 -1.92 -1.35 2.10
N ALA B 11 -2.23 -0.35 2.93
CA ALA B 11 -1.51 0.91 2.88
C ALA B 11 -0.06 0.62 3.19
N GLU B 12 0.85 1.07 2.33
CA GLU B 12 2.28 0.79 2.51
C GLU B 12 2.87 1.36 3.79
N TRP B 13 2.24 2.41 4.30
CA TRP B 13 2.74 3.16 5.45
C TRP B 13 2.16 2.74 6.79
N TYR B 14 1.17 1.85 6.78
CA TYR B 14 0.58 1.34 8.02
C TYR B 14 1.36 0.09 8.42
N TRP B 15 1.86 0.07 9.65
CA TRP B 15 2.59 -1.10 10.13
C TRP B 15 1.92 -1.88 11.26
N GLY B 16 0.63 -1.66 11.46
CA GLY B 16 -0.08 -2.40 12.48
C GLY B 16 0.49 -2.26 13.89
N ASP B 17 0.69 -3.39 14.53
CA ASP B 17 0.97 -3.44 15.95
C ASP B 17 2.46 -3.52 16.22
N ILE B 18 3.21 -2.51 15.82
CA ILE B 18 4.61 -2.41 16.28
C ILE B 18 4.82 -1.45 17.47
N SER B 19 6.00 -1.53 18.08
CA SER B 19 6.27 -0.74 19.28
C SER B 19 6.87 0.62 18.95
N ARG B 20 6.80 1.55 19.90
CA ARG B 20 7.47 2.87 19.81
C ARG B 20 8.94 2.76 19.44
N GLU B 21 9.60 1.75 20.00
CA GLU B 21 11.04 1.57 19.83
C GLU B 21 11.41 1.06 18.44
N GLU B 22 10.54 0.22 17.88
CA GLU B 22 10.64 -0.20 16.47
C GLU B 22 10.50 0.97 15.50
N VAL B 23 9.46 1.78 15.70
CA VAL B 23 9.25 2.98 14.91
C VAL B 23 10.46 3.92 14.95
N ASN B 24 11.08 4.04 16.12
CA ASN B 24 12.24 4.89 16.29
C ASN B 24 13.42 4.44 15.45
N GLU B 25 13.58 3.12 15.32
CA GLU B 25 14.61 2.56 14.43
C GLU B 25 14.38 2.98 13.00
N LYS B 26 13.13 2.92 12.57
CA LYS B 26 12.75 3.20 11.20
C LYS B 26 12.91 4.68 10.88
N LEU B 27 12.57 5.52 11.86
CA LEU B 27 12.59 6.96 11.64
C LEU B 27 13.94 7.59 11.95
N ARG B 28 14.84 6.82 12.55
CA ARG B 28 16.17 7.32 12.81
C ARG B 28 16.87 7.89 11.58
N ASP B 29 17.25 9.16 11.67
CA ASP B 29 18.15 9.79 10.72
C ASP B 29 17.51 10.07 9.37
N THR B 30 16.18 10.11 9.37
CA THR B 30 15.40 10.37 8.16
C THR B 30 15.02 11.84 8.00
N ALA B 31 14.71 12.25 6.77
CA ALA B 31 14.27 13.62 6.48
C ALA B 31 12.97 13.99 7.17
N ASP B 32 12.71 15.29 7.25
CA ASP B 32 11.43 15.81 7.75
C ASP B 32 10.33 15.47 6.74
N GLY B 33 9.18 15.02 7.24
CA GLY B 33 8.10 14.61 6.37
C GLY B 33 7.95 13.09 6.28
N THR B 34 8.97 12.37 6.77
CA THR B 34 8.92 10.92 6.83
C THR B 34 7.93 10.51 7.93
N PHE B 35 7.10 9.50 7.65
CA PHE B 35 6.03 9.17 8.58
C PHE B 35 5.61 7.70 8.45
N LEU B 36 5.02 7.17 9.52
CA LEU B 36 4.26 5.93 9.41
C LEU B 36 3.10 5.94 10.37
N VAL B 37 2.21 4.95 10.25
CA VAL B 37 1.07 4.81 11.16
C VAL B 37 1.02 3.42 11.83
N ARG B 38 0.95 3.42 13.16
CA ARG B 38 0.79 2.18 13.92
C ARG B 38 -0.48 2.21 14.75
N ASP B 39 -0.81 1.09 15.37
CA ASP B 39 -1.93 1.06 16.29
C ASP B 39 -1.62 1.87 17.54
N ALA B 40 -2.62 2.54 18.09
CA ALA B 40 -2.46 3.22 19.37
C ALA B 40 -2.12 2.21 20.47
N SER B 41 -1.34 2.66 21.46
CA SER B 41 -0.96 1.80 22.59
C SER B 41 -2.18 1.44 23.43
N THR B 42 -3.28 2.16 23.21
CA THR B 42 -4.57 1.87 23.85
C THR B 42 -5.11 0.49 23.50
N LYS B 43 -6.12 0.03 24.22
CA LYS B 43 -6.85 -1.17 23.81
C LYS B 43 -7.93 -0.87 22.78
N MET B 44 -7.61 -1.17 21.52
CA MET B 44 -8.57 -1.16 20.40
C MET B 44 -9.79 -0.25 20.56
N HIS B 45 -9.56 1.05 20.71
CA HIS B 45 -10.60 2.03 20.48
C HIS B 45 -10.64 2.37 18.98
N GLY B 46 -10.14 1.43 18.18
CA GLY B 46 -9.94 1.68 16.77
C GLY B 46 -9.03 2.89 16.59
N ASP B 47 -8.09 3.01 17.52
CA ASP B 47 -7.27 4.20 17.57
C ASP B 47 -5.89 3.91 16.98
N TYR B 48 -5.36 4.89 16.24
CA TYR B 48 -4.05 4.74 15.61
C TYR B 48 -3.14 5.92 15.98
N THR B 49 -1.84 5.74 15.79
CA THR B 49 -0.88 6.77 16.05
C THR B 49 -0.07 7.05 14.79
N LEU B 50 -0.12 8.30 14.35
CA LEU B 50 0.82 8.79 13.35
C LEU B 50 2.13 9.20 14.04
N THR B 51 3.24 8.76 13.48
CA THR B 51 4.53 9.25 13.93
C THR B 51 5.21 9.95 12.78
N LEU B 52 5.69 11.16 13.02
CA LEU B 52 6.16 12.05 11.94
C LEU B 52 7.52 12.65 12.25
N ARG B 53 8.38 12.65 11.25
CA ARG B 53 9.73 13.15 11.40
C ARG B 53 9.76 14.67 11.13
N LYS B 54 10.15 15.44 12.16
CA LYS B 54 10.10 16.91 12.10
C LYS B 54 11.09 17.58 13.06
N GLY B 55 12.04 18.32 12.49
CA GLY B 55 13.08 18.97 13.26
C GLY B 55 14.06 18.03 13.96
N GLY B 56 14.28 16.85 13.39
CA GLY B 56 15.21 15.89 13.98
C GLY B 56 14.63 14.97 15.04
N ASN B 57 13.35 15.11 15.35
CA ASN B 57 12.73 14.17 16.27
C ASN B 57 11.39 13.64 15.74
N ASN B 58 10.86 12.64 16.43
CA ASN B 58 9.64 11.98 16.01
C ASN B 58 8.45 12.55 16.77
N LYS B 59 7.55 13.20 16.04
CA LYS B 59 6.29 13.69 16.59
C LYS B 59 5.21 12.62 16.67
N LEU B 60 4.70 12.40 17.89
CA LEU B 60 3.60 11.48 18.13
C LEU B 60 2.25 12.20 18.04
N ILE B 61 1.50 11.90 16.99
CA ILE B 61 0.21 12.53 16.74
C ILE B 61 -0.83 11.43 16.79
N LYS B 62 -1.88 11.67 17.58
CA LYS B 62 -2.92 10.67 17.82
C LYS B 62 -4.04 10.81 16.81
N ILE B 63 -4.43 9.69 16.20
CA ILE B 63 -5.57 9.68 15.28
C ILE B 63 -6.79 9.14 15.99
N PHE B 64 -7.66 10.07 16.41
CA PHE B 64 -8.86 9.71 17.15
C PHE B 64 -9.87 9.04 16.23
N HIS B 65 -10.75 8.27 16.87
CA HIS B 65 -11.75 7.45 16.20
C HIS B 65 -13.02 7.49 17.06
N ARG B 66 -13.99 8.29 16.64
CA ARG B 66 -15.24 8.41 17.39
C ARG B 66 -16.39 8.55 16.41
N ASP B 67 -17.59 8.20 16.84
CA ASP B 67 -18.70 7.90 15.92
C ASP B 67 -18.19 6.89 14.87
N GLY B 68 -18.24 7.26 13.60
CA GLY B 68 -17.58 6.44 12.60
C GLY B 68 -16.50 7.19 11.84
N LYS B 69 -15.95 8.21 12.47
CA LYS B 69 -15.07 9.13 11.78
C LYS B 69 -13.66 9.11 12.35
N TYR B 70 -12.74 9.74 11.61
CA TYR B 70 -11.35 9.85 12.00
C TYR B 70 -10.86 11.29 11.92
N GLY B 71 -9.90 11.64 12.76
CA GLY B 71 -9.31 12.97 12.71
C GLY B 71 -8.36 13.23 13.86
N PHE B 72 -7.61 14.33 13.78
CA PHE B 72 -6.63 14.69 14.80
C PHE B 72 -7.25 15.43 16.00
N SER B 73 -8.41 16.04 15.79
CA SER B 73 -9.05 16.87 16.81
C SER B 73 -10.50 17.12 16.47
N ASP B 74 -11.21 17.81 17.35
CA ASP B 74 -12.62 18.15 17.16
C ASP B 74 -12.77 19.21 16.07
N PRO B 75 -13.54 18.93 14.99
CA PRO B 75 -14.35 17.73 14.73
C PRO B 75 -13.62 16.65 13.95
N LEU B 76 -14.08 15.40 14.13
CA LEU B 76 -13.60 14.27 13.34
C LEU B 76 -14.42 14.15 12.05
N THR B 77 -13.78 14.35 10.91
CA THR B 77 -14.51 14.46 9.66
C THR B 77 -14.09 13.51 8.56
N PHE B 78 -13.01 12.76 8.77
CA PHE B 78 -12.55 11.84 7.74
C PHE B 78 -13.16 10.45 7.94
N SER B 79 -13.62 9.84 6.85
CA SER B 79 -14.27 8.52 6.93
C SER B 79 -13.31 7.32 7.03
N SER B 80 -12.05 7.53 6.68
CA SER B 80 -11.01 6.52 6.87
C SER B 80 -9.64 7.13 7.23
N VAL B 81 -8.74 6.32 7.80
CA VAL B 81 -7.38 6.76 8.07
C VAL B 81 -6.59 7.04 6.79
N VAL B 82 -6.88 6.29 5.70
CA VAL B 82 -6.19 6.49 4.42
C VAL B 82 -6.64 7.79 3.75
N GLU B 83 -7.91 8.10 3.95
CA GLU B 83 -8.48 9.37 3.51
C GLU B 83 -7.81 10.56 4.22
N LEU B 84 -7.60 10.41 5.53
CA LEU B 84 -6.97 11.41 6.39
C LEU B 84 -5.52 11.60 6.01
N ILE B 85 -4.77 10.50 5.97
CA ILE B 85 -3.34 10.58 5.64
C ILE B 85 -3.11 11.15 4.25
N ASN B 86 -3.94 10.70 3.31
CA ASN B 86 -3.79 11.13 1.92
C ASN B 86 -4.00 12.61 1.80
N HIS B 87 -4.96 13.13 2.57
CA HIS B 87 -5.16 14.56 2.56
C HIS B 87 -3.89 15.28 2.94
N TYR B 88 -3.35 14.96 4.12
CA TYR B 88 -2.21 15.71 4.61
C TYR B 88 -0.88 15.35 3.98
N ARG B 89 -0.94 14.52 2.93
CA ARG B 89 0.16 14.41 2.00
C ARG B 89 0.25 15.68 1.14
N ASN B 90 -0.88 16.36 0.96
CA ASN B 90 -0.91 17.54 0.10
C ASN B 90 -1.13 18.88 0.81
N GLU B 91 -1.14 18.84 2.14
CA GLU B 91 -1.46 20.02 2.92
C GLU B 91 -0.71 19.87 4.23
N SER B 92 0.01 20.91 4.61
CA SER B 92 0.76 20.94 5.86
C SER B 92 -0.13 20.84 7.08
N LEU B 93 0.44 20.37 8.18
CA LEU B 93 -0.34 20.23 9.41
C LEU B 93 -0.28 21.46 10.34
N ALA B 94 0.10 22.60 9.76
CA ALA B 94 0.36 23.81 10.54
C ALA B 94 -0.85 24.31 11.30
N GLN B 95 -2.04 24.19 10.71
CA GLN B 95 -3.25 24.73 11.35
C GLN B 95 -3.64 23.96 12.61
N TYR B 96 -2.99 22.83 12.85
CA TYR B 96 -3.19 22.09 14.11
C TYR B 96 -2.16 22.51 15.17
N ASN B 97 -1.00 22.90 14.69
CA ASN B 97 0.12 23.21 15.57
C ASN B 97 1.19 23.93 14.75
N PRO B 98 1.54 25.16 15.16
CA PRO B 98 2.49 26.00 14.40
C PRO B 98 3.86 25.37 14.24
N LYS B 99 4.15 24.41 15.11
CA LYS B 99 5.37 23.60 15.01
C LYS B 99 5.36 22.60 13.86
N LEU B 100 4.16 22.26 13.39
CA LEU B 100 3.99 21.25 12.35
C LEU B 100 3.77 21.86 10.97
N ASP B 101 4.72 22.67 10.53
CA ASP B 101 4.71 23.14 9.15
C ASP B 101 5.36 22.13 8.21
N VAL B 102 4.75 20.95 8.12
CA VAL B 102 5.16 19.91 7.17
C VAL B 102 3.93 19.26 6.59
N LYS B 103 4.14 18.60 5.45
CA LYS B 103 3.22 17.60 4.95
C LYS B 103 3.76 16.20 5.20
N LEU B 104 2.89 15.22 5.08
CA LEU B 104 3.34 13.84 5.09
C LEU B 104 3.99 13.54 3.74
N LEU B 105 5.29 13.82 3.64
CA LEU B 105 6.01 13.66 2.37
C LEU B 105 6.47 12.25 2.05
N TYR B 106 7.24 11.64 2.96
CA TYR B 106 7.90 10.37 2.69
C TYR B 106 7.39 9.22 3.57
N PRO B 107 6.64 8.28 2.96
CA PRO B 107 6.11 7.12 3.69
C PRO B 107 7.17 6.06 3.98
N VAL B 108 7.23 5.58 5.21
CA VAL B 108 8.06 4.41 5.52
C VAL B 108 7.28 3.17 5.08
N SER B 109 7.70 2.59 3.95
CA SER B 109 6.97 1.54 3.26
C SER B 109 7.35 0.16 3.74
N LYS B 110 6.37 -0.59 4.21
CA LYS B 110 6.60 -1.97 4.62
C LYS B 110 6.92 -2.89 3.45
N TYR B 111 6.72 -2.43 2.22
CA TYR B 111 7.04 -3.24 1.05
C TYR B 111 8.50 -3.04 0.61
N GLN B 112 9.26 -2.32 1.43
CA GLN B 112 10.71 -2.33 1.29
C GLN B 112 11.37 -2.38 2.67
N SER C 1 0.24 -24.30 -17.00
CA SER C 1 -1.15 -24.23 -17.58
C SER C 1 -1.09 -24.05 -19.09
N ILE C 2 -2.25 -24.06 -19.74
CA ILE C 2 -2.30 -23.93 -21.20
C ILE C 2 -1.79 -22.58 -21.69
N ASP C 3 -2.41 -21.50 -21.24
CA ASP C 3 -1.79 -20.17 -21.37
C ASP C 3 -1.78 -19.43 -20.04
N VAL C 5 -2.68 -18.78 -16.19
CA VAL C 5 -2.91 -19.60 -15.00
C VAL C 5 -4.36 -19.54 -14.48
N PRO C 6 -4.99 -20.71 -14.29
CA PRO C 6 -6.35 -20.69 -13.72
C PRO C 6 -6.36 -20.22 -12.26
N MET C 7 -7.13 -19.18 -11.97
CA MET C 7 -7.27 -18.71 -10.60
C MET C 7 -8.67 -19.01 -10.10
N LEU C 8 -8.77 -19.67 -8.94
CA LEU C 8 -10.04 -19.99 -8.30
C LEU C 8 -10.84 -18.80 -7.74
N ASP C 9 -12.15 -18.88 -7.87
CA ASP C 9 -13.03 -17.89 -7.28
C ASP C 9 -13.08 -18.09 -5.77
N MET C 10 -13.47 -17.04 -5.06
CA MET C 10 -13.67 -17.09 -3.62
C MET C 10 -15.11 -16.69 -3.29
N LYS C 11 -16.04 -17.24 -4.07
CA LYS C 11 -17.46 -16.89 -3.97
C LYS C 11 -18.23 -17.83 -4.88
N SER D 1 6.83 18.39 22.89
CA SER D 1 5.69 18.29 23.83
C SER D 1 5.99 17.28 24.95
N ILE D 2 5.06 17.12 25.88
CA ILE D 2 5.25 16.18 26.99
C ILE D 2 5.32 14.73 26.50
N ASP D 3 4.26 14.25 25.85
CA ASP D 3 4.34 13.05 25.04
C ASP D 3 3.80 13.28 23.62
N VAL D 5 1.98 15.25 20.64
CA VAL D 5 1.84 16.64 20.18
C VAL D 5 0.40 17.12 20.32
N PRO D 6 0.19 18.25 21.03
CA PRO D 6 -1.17 18.84 21.09
C PRO D 6 -1.63 19.32 19.72
N MET D 7 -2.84 18.90 19.32
CA MET D 7 -3.42 19.31 18.05
C MET D 7 -4.68 20.11 18.32
N LEU D 8 -4.72 21.33 17.82
CA LEU D 8 -5.85 22.24 18.05
C LEU D 8 -7.14 21.81 17.34
N ASP D 9 -8.28 22.04 18.00
CA ASP D 9 -9.59 21.83 17.38
C ASP D 9 -9.88 22.89 16.31
N MET D 10 -10.76 22.57 15.38
CA MET D 10 -11.19 23.52 14.37
C MET D 10 -12.70 23.75 14.50
N LYS D 11 -13.18 23.88 15.73
CA LYS D 11 -14.60 23.90 16.04
C LYS D 11 -14.78 24.21 17.53
#